data_1S7O
#
_entry.id   1S7O
#
_cell.length_a   127.608
_cell.length_b   69.685
_cell.length_c   55.247
_cell.angle_alpha   90.00
_cell.angle_beta   103.04
_cell.angle_gamma   90.00
#
_symmetry.space_group_name_H-M   'C 1 2 1'
#
loop_
_entity.id
_entity.type
_entity.pdbx_description
1 polymer 'Hypothetical UPF0122 protein SPy1201/SpyM3_0842/SPs1042/spyM18_1152'
2 water water
#
_entity_poly.entity_id   1
_entity_poly.type   'polypeptide(L)'
_entity_poly.pdbx_seq_one_letter_code
;MNIMEIEKTNRMNALFEFYAALLTDKQMNYIELYYADDYSLAEIADEFGVSRQAVYDNIKRTEKILETYEMKLHMYSDYV
VRSEIFDDMIAHYPHDEYLQEKISILTSIDNRE
;
_entity_poly.pdbx_strand_id   A,B,C
#
# COMPACT_ATOMS: atom_id res chain seq x y z
N GLU A 7 -34.82 -1.93 -4.60
CA GLU A 7 -34.55 -2.31 -3.19
C GLU A 7 -33.10 -2.78 -3.03
N LYS A 8 -32.20 -1.81 -2.92
CA LYS A 8 -30.78 -2.04 -2.73
C LYS A 8 -30.23 -0.89 -1.89
N THR A 9 -29.48 -1.20 -0.82
CA THR A 9 -28.89 -0.16 0.03
C THR A 9 -27.47 -0.52 0.45
N ASN A 10 -26.67 0.48 0.79
CA ASN A 10 -25.29 0.20 1.18
C ASN A 10 -25.14 -0.65 2.44
N ARG A 11 -25.96 -0.39 3.46
CA ARG A 11 -25.90 -1.20 4.65
C ARG A 11 -26.20 -2.68 4.33
N MET A 12 -27.30 -2.93 3.64
CA MET A 12 -27.71 -4.29 3.33
C MET A 12 -26.66 -4.96 2.40
N ASN A 13 -26.10 -4.19 1.47
CA ASN A 13 -25.02 -4.72 0.66
C ASN A 13 -23.88 -5.15 1.61
N ALA A 14 -23.54 -4.28 2.54
CA ALA A 14 -22.52 -4.59 3.50
C ALA A 14 -22.90 -5.79 4.36
N LEU A 15 -24.16 -5.90 4.78
CA LEU A 15 -24.49 -7.07 5.63
C LEU A 15 -24.30 -8.31 4.81
N PHE A 16 -24.60 -8.22 3.53
CA PHE A 16 -24.42 -9.37 2.68
C PHE A 16 -22.92 -9.70 2.57
N GLU A 17 -22.06 -8.69 2.50
CA GLU A 17 -20.64 -9.00 2.30
C GLU A 17 -20.05 -9.62 3.57
N PHE A 18 -20.48 -9.10 4.73
CA PHE A 18 -20.02 -9.61 6.01
C PHE A 18 -20.50 -11.05 6.33
N TYR A 19 -21.74 -11.38 6.01
CA TYR A 19 -22.34 -12.65 6.48
C TYR A 19 -22.69 -13.69 5.43
N ALA A 20 -22.50 -13.34 4.15
CA ALA A 20 -22.79 -14.28 3.08
C ALA A 20 -22.26 -15.66 3.36
N ALA A 21 -21.06 -15.78 3.90
CA ALA A 21 -20.51 -17.11 4.08
C ALA A 21 -21.30 -17.96 5.08
N LEU A 22 -22.26 -17.34 5.76
CA LEU A 22 -23.02 -18.06 6.76
C LEU A 22 -24.28 -18.64 6.17
N LEU A 23 -24.65 -18.14 4.99
CA LEU A 23 -25.86 -18.53 4.30
C LEU A 23 -25.82 -19.95 3.69
N THR A 24 -26.99 -20.57 3.56
CA THR A 24 -27.06 -21.83 2.85
C THR A 24 -27.12 -21.50 1.34
N ASP A 25 -27.00 -22.53 0.50
CA ASP A 25 -27.07 -22.38 -0.95
C ASP A 25 -28.36 -21.76 -1.35
N LYS A 26 -29.44 -22.35 -0.85
CA LYS A 26 -30.78 -21.85 -1.15
C LYS A 26 -30.98 -20.41 -0.73
N GLN A 27 -30.48 -20.01 0.45
CA GLN A 27 -30.60 -18.62 0.90
C GLN A 27 -29.75 -17.67 0.10
N MET A 28 -28.66 -18.19 -0.38
CA MET A 28 -27.66 -17.44 -1.10
C MET A 28 -27.88 -17.07 -2.60
N ASN A 29 -28.28 -18.06 -3.40
CA ASN A 29 -28.42 -17.92 -4.86
C ASN A 29 -28.97 -16.60 -5.41
N TYR A 30 -30.22 -16.27 -5.11
CA TYR A 30 -30.78 -15.08 -5.66
C TYR A 30 -30.07 -13.84 -5.24
N ILE A 31 -29.84 -13.71 -3.94
CA ILE A 31 -29.34 -12.44 -3.42
C ILE A 31 -27.94 -12.19 -3.93
N GLU A 32 -27.18 -13.28 -4.10
CA GLU A 32 -25.83 -13.20 -4.63
C GLU A 32 -25.90 -12.64 -6.05
N LEU A 33 -26.81 -13.17 -6.86
CA LEU A 33 -26.93 -12.70 -8.23
C LEU A 33 -27.30 -11.19 -8.23
N TYR A 34 -28.16 -10.80 -7.31
CA TYR A 34 -28.59 -9.42 -7.25
C TYR A 34 -27.47 -8.49 -6.73
N TYR A 35 -26.83 -8.83 -5.61
CA TYR A 35 -25.80 -7.96 -5.09
C TYR A 35 -24.43 -8.00 -5.76
N ALA A 36 -23.96 -9.18 -6.13
CA ALA A 36 -22.61 -9.33 -6.69
C ALA A 36 -22.46 -9.47 -8.20
N ASP A 37 -23.48 -9.99 -8.88
CA ASP A 37 -23.40 -10.20 -10.34
C ASP A 37 -24.20 -9.13 -11.07
N ASP A 38 -25.06 -8.50 -10.29
CA ASP A 38 -25.90 -7.39 -10.68
C ASP A 38 -27.08 -7.63 -11.59
N TYR A 39 -27.81 -8.69 -11.33
CA TYR A 39 -28.97 -8.95 -12.14
C TYR A 39 -30.12 -8.25 -11.49
N SER A 40 -31.11 -7.88 -12.29
CA SER A 40 -32.32 -7.32 -11.76
C SER A 40 -33.13 -8.52 -11.31
N LEU A 41 -34.21 -8.26 -10.57
CA LEU A 41 -35.06 -9.35 -10.11
C LEU A 41 -35.70 -10.05 -11.30
N ALA A 42 -35.95 -9.30 -12.37
CA ALA A 42 -36.55 -9.89 -13.55
C ALA A 42 -35.57 -10.88 -14.17
N GLU A 43 -34.33 -10.45 -14.31
CA GLU A 43 -33.31 -11.32 -14.86
C GLU A 43 -33.18 -12.60 -14.02
N ILE A 44 -33.16 -12.47 -12.70
CA ILE A 44 -33.08 -13.66 -11.86
C ILE A 44 -34.29 -14.57 -12.06
N ALA A 45 -35.46 -13.98 -12.17
CA ALA A 45 -36.66 -14.76 -12.37
C ALA A 45 -36.60 -15.46 -13.72
N ASP A 46 -36.10 -14.74 -14.71
CA ASP A 46 -36.03 -15.36 -16.02
C ASP A 46 -35.01 -16.52 -15.99
N GLU A 47 -33.82 -16.28 -15.44
CA GLU A 47 -32.84 -17.37 -15.38
C GLU A 47 -33.42 -18.64 -14.76
N PHE A 48 -34.27 -18.49 -13.75
CA PHE A 48 -34.75 -19.64 -12.99
C PHE A 48 -36.18 -20.09 -13.36
N GLY A 49 -36.81 -19.38 -14.27
CA GLY A 49 -38.12 -19.81 -14.74
C GLY A 49 -39.15 -19.70 -13.65
N VAL A 50 -38.96 -18.69 -12.79
CA VAL A 50 -39.85 -18.45 -11.69
C VAL A 50 -40.44 -17.03 -11.76
N SER A 51 -41.39 -16.72 -10.90
CA SER A 51 -41.96 -15.38 -10.92
C SER A 51 -41.06 -14.32 -10.31
N ARG A 52 -41.34 -13.08 -10.64
CA ARG A 52 -40.58 -11.98 -10.11
C ARG A 52 -40.86 -11.81 -8.61
N GLN A 53 -42.10 -12.04 -8.20
CA GLN A 53 -42.41 -11.91 -6.79
C GLN A 53 -41.65 -12.96 -6.00
N ALA A 54 -41.64 -14.19 -6.53
CA ALA A 54 -40.92 -15.30 -5.92
C ALA A 54 -39.48 -14.92 -5.60
N VAL A 55 -38.83 -14.25 -6.55
CA VAL A 55 -37.46 -13.88 -6.35
C VAL A 55 -37.43 -12.84 -5.29
N TYR A 56 -38.36 -11.92 -5.37
CA TYR A 56 -38.47 -10.85 -4.38
C TYR A 56 -38.68 -11.45 -2.98
N ASP A 57 -39.57 -12.43 -2.89
CA ASP A 57 -39.86 -13.04 -1.60
C ASP A 57 -38.63 -13.73 -0.99
N ASN A 58 -37.91 -14.48 -1.81
CA ASN A 58 -36.76 -15.21 -1.35
C ASN A 58 -35.67 -14.29 -0.84
N ILE A 59 -35.44 -13.22 -1.58
CA ILE A 59 -34.43 -12.24 -1.24
C ILE A 59 -34.79 -11.52 0.07
N LYS A 60 -36.07 -11.21 0.25
CA LYS A 60 -36.51 -10.55 1.47
C LYS A 60 -36.27 -11.44 2.68
N ARG A 61 -36.54 -12.73 2.54
CA ARG A 61 -36.31 -13.66 3.64
C ARG A 61 -34.82 -13.69 3.99
N THR A 62 -33.97 -13.77 2.99
CA THR A 62 -32.54 -13.76 3.28
C THR A 62 -32.11 -12.43 3.92
N GLU A 63 -32.72 -11.35 3.51
CA GLU A 63 -32.42 -10.06 4.12
C GLU A 63 -32.72 -10.03 5.64
N LYS A 64 -33.84 -10.63 6.06
CA LYS A 64 -34.14 -10.71 7.49
C LYS A 64 -33.08 -11.57 8.16
N ILE A 65 -32.63 -12.62 7.48
CA ILE A 65 -31.59 -13.45 8.06
C ILE A 65 -30.28 -12.66 8.29
N LEU A 66 -29.89 -11.88 7.27
CA LEU A 66 -28.70 -11.04 7.34
C LEU A 66 -28.85 -10.06 8.54
N GLU A 67 -30.03 -9.50 8.70
CA GLU A 67 -30.30 -8.61 9.84
C GLU A 67 -30.20 -9.35 11.17
N THR A 68 -30.72 -10.55 11.21
CA THR A 68 -30.58 -11.29 12.42
C THR A 68 -29.09 -11.46 12.75
N TYR A 69 -28.27 -11.76 11.74
CA TYR A 69 -26.85 -11.92 12.04
C TYR A 69 -26.26 -10.59 12.50
N GLU A 70 -26.72 -9.49 11.93
CA GLU A 70 -26.17 -8.23 12.36
C GLU A 70 -26.55 -7.98 13.83
N MET A 71 -27.81 -8.27 14.22
CA MET A 71 -28.18 -8.04 15.61
C MET A 71 -27.29 -8.90 16.51
N LYS A 72 -26.77 -10.01 16.01
CA LYS A 72 -26.03 -10.91 16.91
C LYS A 72 -24.53 -10.65 16.98
N LEU A 73 -23.98 -10.22 15.86
CA LEU A 73 -22.54 -10.04 15.74
C LEU A 73 -22.09 -8.57 15.61
N HIS A 74 -23.00 -7.69 15.16
CA HIS A 74 -22.70 -6.26 15.01
C HIS A 74 -21.49 -5.91 14.17
N MET A 75 -21.14 -6.73 13.19
CA MET A 75 -19.93 -6.38 12.43
C MET A 75 -20.14 -5.06 11.67
N TYR A 76 -21.38 -4.77 11.25
CA TYR A 76 -21.57 -3.57 10.45
C TYR A 76 -21.61 -2.31 11.29
N SER A 77 -22.40 -2.33 12.35
CA SER A 77 -22.40 -1.14 13.19
C SER A 77 -21.02 -0.83 13.76
N ASP A 78 -20.26 -1.84 14.16
CA ASP A 78 -18.90 -1.65 14.69
C ASP A 78 -17.89 -1.15 13.63
N TYR A 79 -18.07 -1.59 12.39
CA TYR A 79 -17.29 -1.10 11.29
C TYR A 79 -17.59 0.37 11.04
N VAL A 80 -18.84 0.79 11.19
CA VAL A 80 -19.20 2.19 10.98
C VAL A 80 -18.58 3.02 12.11
N VAL A 81 -18.75 2.58 13.34
CA VAL A 81 -18.18 3.34 14.45
C VAL A 81 -16.67 3.55 14.32
N ARG A 82 -15.94 2.50 13.99
CA ARG A 82 -14.49 2.61 13.84
C ARG A 82 -14.05 3.57 12.75
N SER A 83 -14.72 3.55 11.61
CA SER A 83 -14.33 4.44 10.53
C SER A 83 -14.53 5.88 10.94
N GLU A 84 -15.60 6.12 11.68
CA GLU A 84 -15.88 7.47 12.12
C GLU A 84 -14.82 7.88 13.10
N ILE A 85 -14.40 6.98 13.98
CA ILE A 85 -13.36 7.34 14.93
C ILE A 85 -12.02 7.52 14.21
N PHE A 86 -11.75 6.69 13.23
CA PHE A 86 -10.51 6.82 12.48
C PHE A 86 -10.47 8.18 11.76
N ASP A 87 -11.58 8.57 11.17
CA ASP A 87 -11.65 9.87 10.52
C ASP A 87 -11.35 10.99 11.51
N ASP A 88 -11.87 10.85 12.75
CA ASP A 88 -11.65 11.93 13.74
C ASP A 88 -10.17 12.00 14.02
N MET A 89 -9.55 10.84 14.12
CA MET A 89 -8.13 10.74 14.44
C MET A 89 -7.35 11.41 13.30
N ILE A 90 -7.73 11.10 12.08
CA ILE A 90 -7.03 11.66 10.95
C ILE A 90 -7.15 13.17 10.93
N ALA A 91 -8.36 13.66 11.16
CA ALA A 91 -8.60 15.10 11.18
C ALA A 91 -7.81 15.74 12.32
N HIS A 92 -7.67 15.01 13.42
CA HIS A 92 -6.98 15.56 14.58
C HIS A 92 -5.47 15.62 14.39
N TYR A 93 -4.90 14.60 13.74
CA TYR A 93 -3.46 14.50 13.51
C TYR A 93 -3.09 14.51 12.04
N PRO A 94 -3.35 15.59 11.32
CA PRO A 94 -3.14 15.61 9.86
C PRO A 94 -1.69 15.40 9.45
N HIS A 95 -0.74 15.73 10.32
CA HIS A 95 0.64 15.59 9.92
C HIS A 95 1.48 14.54 10.67
N ASP A 96 0.80 13.58 11.31
CA ASP A 96 1.50 12.57 12.06
C ASP A 96 1.60 11.33 11.19
N GLU A 97 2.79 11.08 10.68
CA GLU A 97 2.97 9.96 9.77
C GLU A 97 2.74 8.60 10.39
N TYR A 98 3.25 8.42 11.59
CA TYR A 98 3.07 7.16 12.30
C TYR A 98 1.54 6.89 12.53
N LEU A 99 0.75 7.90 12.84
CA LEU A 99 -0.66 7.67 13.09
C LEU A 99 -1.39 7.36 11.80
N GLN A 100 -1.02 8.06 10.73
CA GLN A 100 -1.65 7.86 9.47
C GLN A 100 -1.39 6.41 9.07
N GLU A 101 -0.16 5.94 9.21
CA GLU A 101 0.07 4.55 8.83
C GLU A 101 -0.74 3.59 9.72
N LYS A 102 -0.87 3.89 11.00
CA LYS A 102 -1.66 3.02 11.85
C LYS A 102 -3.09 2.97 11.32
N ILE A 103 -3.61 4.13 10.95
CA ILE A 103 -4.99 4.16 10.56
C ILE A 103 -5.16 3.43 9.29
N SER A 104 -4.16 3.54 8.43
CA SER A 104 -4.17 2.84 7.16
C SER A 104 -4.25 1.33 7.39
N ILE A 105 -3.46 0.77 8.30
CA ILE A 105 -3.53 -0.66 8.56
C ILE A 105 -4.83 -1.10 9.23
N LEU A 106 -5.35 -0.31 10.17
CA LEU A 106 -6.61 -0.66 10.82
C LEU A 106 -7.73 -0.64 9.81
N THR A 107 -7.72 0.36 8.95
CA THR A 107 -8.76 0.50 7.97
C THR A 107 -8.78 -0.67 7.01
N SER A 108 -7.59 -1.19 6.72
CA SER A 108 -7.47 -2.29 5.78
C SER A 108 -7.86 -3.58 6.46
N ILE A 109 -7.61 -3.68 7.76
CA ILE A 109 -8.04 -4.85 8.49
C ILE A 109 -9.57 -4.83 8.54
N ASP A 110 -10.13 -3.64 8.65
CA ASP A 110 -11.57 -3.52 8.72
C ASP A 110 -12.26 -3.76 7.39
N ASN A 111 -11.54 -3.51 6.30
CA ASN A 111 -12.09 -3.69 4.95
C ASN A 111 -11.82 -5.07 4.41
N ARG A 112 -11.31 -5.96 5.27
CA ARG A 112 -11.02 -7.34 4.90
C ARG A 112 -11.77 -8.33 5.80
N ILE B 6 4.18 -3.20 -26.88
CA ILE B 6 4.99 -3.28 -25.61
C ILE B 6 4.52 -4.41 -24.74
N GLU B 7 5.39 -5.35 -24.41
CA GLU B 7 4.97 -6.43 -23.54
C GLU B 7 4.77 -5.89 -22.13
N LYS B 8 3.59 -6.16 -21.57
CA LYS B 8 3.30 -5.81 -20.19
C LYS B 8 3.79 -6.95 -19.35
N THR B 9 4.31 -6.62 -18.16
CA THR B 9 4.72 -7.63 -17.21
C THR B 9 4.25 -7.29 -15.79
N ASN B 10 4.13 -8.31 -14.96
CA ASN B 10 3.77 -8.08 -13.56
C ASN B 10 4.85 -7.23 -12.87
N ARG B 11 6.11 -7.48 -13.19
CA ARG B 11 7.19 -6.68 -12.63
C ARG B 11 7.07 -5.16 -12.98
N MET B 12 6.90 -4.82 -14.25
CA MET B 12 6.80 -3.41 -14.60
C MET B 12 5.53 -2.83 -13.96
N ASN B 13 4.45 -3.60 -13.95
CA ASN B 13 3.25 -3.10 -13.31
C ASN B 13 3.61 -2.74 -11.87
N ALA B 14 4.25 -3.66 -11.18
CA ALA B 14 4.62 -3.37 -9.82
C ALA B 14 5.60 -2.18 -9.68
N LEU B 15 6.53 -2.03 -10.63
CA LEU B 15 7.47 -0.90 -10.53
C LEU B 15 6.68 0.40 -10.64
N PHE B 16 5.70 0.38 -11.52
CA PHE B 16 4.88 1.55 -11.72
C PHE B 16 4.10 1.82 -10.45
N GLU B 17 3.49 0.80 -9.89
CA GLU B 17 2.74 0.96 -8.67
C GLU B 17 3.63 1.47 -7.49
N PHE B 18 4.86 1.00 -7.36
CA PHE B 18 5.71 1.45 -6.24
C PHE B 18 6.24 2.91 -6.38
N TYR B 19 6.52 3.33 -7.60
CA TYR B 19 7.23 4.58 -7.79
C TYR B 19 6.48 5.66 -8.52
N ALA B 20 5.22 5.40 -8.83
CA ALA B 20 4.48 6.34 -9.63
C ALA B 20 4.49 7.72 -8.99
N ALA B 21 4.50 7.79 -7.66
CA ALA B 21 4.45 9.09 -7.00
C ALA B 21 5.68 9.90 -7.30
N LEU B 22 6.77 9.25 -7.70
CA LEU B 22 7.97 9.99 -8.04
C LEU B 22 7.90 10.60 -9.46
N LEU B 23 6.97 10.12 -10.29
CA LEU B 23 6.87 10.57 -11.67
C LEU B 23 6.14 11.91 -11.84
N THR B 24 6.59 12.71 -12.81
CA THR B 24 5.83 13.91 -13.19
C THR B 24 4.60 13.44 -13.96
N ASP B 25 3.60 14.30 -14.09
CA ASP B 25 2.38 13.95 -14.84
C ASP B 25 2.73 13.55 -16.27
N LYS B 26 3.69 14.28 -16.84
CA LYS B 26 4.11 13.97 -18.19
C LYS B 26 4.77 12.61 -18.28
N GLN B 27 5.43 12.17 -17.21
CA GLN B 27 6.07 10.86 -17.28
C GLN B 27 5.02 9.78 -17.00
N MET B 28 3.96 10.17 -16.30
CA MET B 28 2.99 9.19 -15.83
C MET B 28 1.77 9.02 -16.72
N ASN B 29 1.34 10.12 -17.34
CA ASN B 29 0.08 10.07 -18.08
C ASN B 29 -0.15 8.80 -18.91
N TYR B 30 0.71 8.54 -19.90
CA TYR B 30 0.47 7.40 -20.77
C TYR B 30 0.60 6.04 -20.09
N ILE B 31 1.65 5.82 -19.31
CA ILE B 31 1.88 4.48 -18.75
C ILE B 31 0.74 4.12 -17.79
N GLU B 32 0.25 5.13 -17.10
CA GLU B 32 -0.91 4.99 -16.24
C GLU B 32 -2.13 4.45 -17.01
N LEU B 33 -2.43 5.07 -18.17
CA LEU B 33 -3.54 4.57 -18.96
C LEU B 33 -3.25 3.15 -19.45
N TYR B 34 -2.00 2.95 -19.86
CA TYR B 34 -1.59 1.68 -20.44
C TYR B 34 -1.77 0.53 -19.45
N TYR B 35 -1.27 0.72 -18.23
CA TYR B 35 -1.26 -0.33 -17.20
C TYR B 35 -2.49 -0.39 -16.33
N ALA B 36 -2.89 0.75 -15.79
CA ALA B 36 -4.04 0.79 -14.90
C ALA B 36 -5.35 0.67 -15.65
N ASP B 37 -5.46 1.30 -16.82
CA ASP B 37 -6.73 1.28 -17.52
C ASP B 37 -6.79 0.45 -18.79
N ASP B 38 -5.70 -0.27 -19.08
CA ASP B 38 -5.66 -1.17 -20.22
C ASP B 38 -5.86 -0.50 -21.59
N TYR B 39 -5.49 0.76 -21.73
CA TYR B 39 -5.62 1.39 -23.04
C TYR B 39 -4.60 0.76 -23.96
N SER B 40 -4.88 0.78 -25.25
CA SER B 40 -3.89 0.33 -26.22
C SER B 40 -3.05 1.57 -26.55
N LEU B 41 -1.97 1.42 -27.31
CA LEU B 41 -1.18 2.61 -27.72
C LEU B 41 -2.01 3.54 -28.60
N ALA B 42 -2.87 2.95 -29.44
CA ALA B 42 -3.71 3.75 -30.32
C ALA B 42 -4.70 4.59 -29.51
N GLU B 43 -5.32 3.96 -28.52
CA GLU B 43 -6.30 4.67 -27.75
C GLU B 43 -5.61 5.80 -27.01
N ILE B 44 -4.43 5.52 -26.47
CA ILE B 44 -3.69 6.57 -25.77
C ILE B 44 -3.38 7.72 -26.73
N ALA B 45 -2.92 7.38 -27.92
CA ALA B 45 -2.58 8.42 -28.92
C ALA B 45 -3.79 9.27 -29.35
N ASP B 46 -4.89 8.59 -29.59
CA ASP B 46 -6.13 9.28 -29.89
C ASP B 46 -6.51 10.23 -28.72
N GLU B 47 -6.48 9.74 -27.49
CA GLU B 47 -6.79 10.59 -26.34
C GLU B 47 -5.90 11.85 -26.27
N PHE B 48 -4.62 11.73 -26.56
CA PHE B 48 -3.78 12.91 -26.45
C PHE B 48 -3.52 13.61 -27.74
N GLY B 49 -4.16 13.13 -28.79
CA GLY B 49 -3.96 13.72 -30.08
C GLY B 49 -2.52 13.70 -30.51
N VAL B 50 -1.89 12.54 -30.41
CA VAL B 50 -0.53 12.43 -30.86
C VAL B 50 -0.39 11.11 -31.62
N SER B 51 0.83 10.84 -32.08
CA SER B 51 1.13 9.62 -32.82
C SER B 51 1.33 8.45 -31.90
N ARG B 52 1.18 7.23 -32.40
CA ARG B 52 1.50 6.07 -31.62
C ARG B 52 2.97 6.07 -31.22
N GLN B 53 3.85 6.46 -32.14
CA GLN B 53 5.27 6.48 -31.83
C GLN B 53 5.59 7.40 -30.64
N ALA B 54 4.97 8.57 -30.58
CA ALA B 54 5.21 9.45 -29.44
C ALA B 54 4.82 8.71 -28.16
N VAL B 55 3.72 7.96 -28.21
CA VAL B 55 3.25 7.23 -27.05
C VAL B 55 4.24 6.14 -26.69
N TYR B 56 4.62 5.36 -27.69
CA TYR B 56 5.61 4.33 -27.52
C TYR B 56 6.90 4.90 -26.91
N ASP B 57 7.48 5.97 -27.49
CA ASP B 57 8.70 6.57 -26.92
C ASP B 57 8.56 6.97 -25.45
N ASN B 58 7.46 7.64 -25.13
CA ASN B 58 7.26 8.14 -23.78
C ASN B 58 7.10 7.01 -22.74
N ILE B 59 6.45 5.92 -23.12
CA ILE B 59 6.31 4.83 -22.16
C ILE B 59 7.65 4.13 -21.92
N LYS B 60 8.40 3.89 -23.01
CA LYS B 60 9.69 3.27 -22.91
C LYS B 60 10.58 4.15 -22.01
N ARG B 61 10.53 5.47 -22.19
CA ARG B 61 11.33 6.34 -21.33
C ARG B 61 10.92 6.22 -19.85
N THR B 62 9.62 6.18 -19.56
CA THR B 62 9.18 6.08 -18.19
C THR B 62 9.60 4.73 -17.64
N GLU B 63 9.52 3.70 -18.47
CA GLU B 63 9.91 2.39 -17.99
C GLU B 63 11.37 2.41 -17.53
N LYS B 64 12.22 3.10 -18.30
CA LYS B 64 13.61 3.19 -17.95
C LYS B 64 13.80 3.95 -16.67
N ILE B 65 13.02 5.01 -16.47
CA ILE B 65 13.08 5.75 -15.24
C ILE B 65 12.63 4.87 -14.05
N LEU B 66 11.61 4.05 -14.27
CA LEU B 66 11.15 3.14 -13.21
C LEU B 66 12.23 2.12 -12.85
N GLU B 67 12.90 1.61 -13.87
CA GLU B 67 13.94 0.62 -13.64
C GLU B 67 15.07 1.27 -12.84
N THR B 68 15.29 2.55 -13.08
CA THR B 68 16.31 3.25 -12.33
C THR B 68 15.94 3.38 -10.86
N TYR B 69 14.68 3.70 -10.59
CA TYR B 69 14.21 3.79 -9.21
C TYR B 69 14.39 2.44 -8.51
N GLU B 70 14.05 1.35 -9.21
CA GLU B 70 14.12 0.02 -8.63
C GLU B 70 15.57 -0.35 -8.27
N MET B 71 16.50 -0.02 -9.15
CA MET B 71 17.94 -0.24 -8.91
C MET B 71 18.45 0.61 -7.74
N LYS B 72 17.87 1.80 -7.55
CA LYS B 72 18.31 2.63 -6.41
C LYS B 72 17.66 2.25 -5.09
N LEU B 73 16.38 1.88 -5.14
CA LEU B 73 15.61 1.66 -3.92
C LEU B 73 15.26 0.20 -3.56
N HIS B 74 15.19 -0.68 -4.54
CA HIS B 74 14.92 -2.08 -4.28
C HIS B 74 13.57 -2.36 -3.60
N MET B 75 12.58 -1.48 -3.76
CA MET B 75 11.31 -1.82 -3.08
C MET B 75 10.70 -3.11 -3.65
N TYR B 76 10.83 -3.32 -4.95
CA TYR B 76 10.19 -4.47 -5.53
C TYR B 76 10.95 -5.73 -5.24
N SER B 77 12.28 -5.72 -5.39
CA SER B 77 13.01 -6.92 -5.05
C SER B 77 12.89 -7.24 -3.56
N ASP B 78 12.88 -6.24 -2.67
CA ASP B 78 12.68 -6.57 -1.26
C ASP B 78 11.32 -7.22 -1.07
N TYR B 79 10.35 -6.78 -1.87
CA TYR B 79 8.99 -7.34 -1.75
C TYR B 79 8.97 -8.77 -2.26
N VAL B 80 9.71 -9.06 -3.32
CA VAL B 80 9.71 -10.43 -3.85
C VAL B 80 10.42 -11.34 -2.83
N VAL B 81 11.49 -10.85 -2.20
CA VAL B 81 12.29 -11.69 -1.29
C VAL B 81 11.51 -11.97 0.01
N ARG B 82 10.89 -10.95 0.57
CA ARG B 82 10.03 -11.13 1.73
C ARG B 82 8.87 -12.09 1.45
N SER B 83 8.24 -11.94 0.29
CA SER B 83 7.13 -12.82 -0.09
C SER B 83 7.58 -14.27 -0.03
N GLU B 84 8.81 -14.50 -0.43
CA GLU B 84 9.31 -15.85 -0.46
C GLU B 84 9.50 -16.32 0.97
N ILE B 85 10.01 -15.43 1.80
CA ILE B 85 10.16 -15.77 3.19
C ILE B 85 8.78 -15.96 3.86
N PHE B 86 7.79 -15.16 3.46
CA PHE B 86 6.46 -15.32 4.04
C PHE B 86 5.91 -16.69 3.57
N ASP B 87 6.03 -17.01 2.28
CA ASP B 87 5.60 -18.35 1.82
C ASP B 87 6.28 -19.50 2.60
N ASP B 88 7.59 -19.41 2.87
CA ASP B 88 8.24 -20.48 3.64
C ASP B 88 7.52 -20.61 5.00
N MET B 89 7.21 -19.47 5.63
CA MET B 89 6.61 -19.48 6.98
C MET B 89 5.22 -20.13 6.97
N ILE B 90 4.40 -19.74 6.02
CA ILE B 90 3.06 -20.28 5.91
C ILE B 90 3.13 -21.77 5.60
N ALA B 91 4.08 -22.18 4.77
CA ALA B 91 4.19 -23.61 4.50
C ALA B 91 4.56 -24.30 5.80
N HIS B 92 5.31 -23.62 6.63
CA HIS B 92 5.80 -24.22 7.83
C HIS B 92 4.71 -24.37 8.88
N TYR B 93 3.82 -23.39 8.96
CA TYR B 93 2.73 -23.42 9.93
C TYR B 93 1.40 -23.20 9.22
N PRO B 94 0.88 -24.19 8.54
CA PRO B 94 -0.30 -23.96 7.71
C PRO B 94 -1.57 -23.68 8.53
N HIS B 95 -1.59 -24.08 9.78
CA HIS B 95 -2.83 -23.92 10.51
C HIS B 95 -2.73 -22.92 11.62
N ASP B 96 -1.84 -21.94 11.44
CA ASP B 96 -1.62 -20.95 12.47
C ASP B 96 -2.21 -19.62 12.06
N GLU B 97 -3.44 -19.37 12.49
CA GLU B 97 -4.14 -18.17 12.09
C GLU B 97 -3.47 -16.89 12.46
N TYR B 98 -2.90 -16.82 13.65
CA TYR B 98 -2.22 -15.60 14.06
C TYR B 98 -1.05 -15.28 13.09
N LEU B 99 -0.33 -16.31 12.66
CA LEU B 99 0.76 -16.12 11.71
C LEU B 99 0.22 -15.65 10.36
N GLN B 100 -0.77 -16.39 9.84
CA GLN B 100 -1.45 -16.04 8.60
C GLN B 100 -1.88 -14.56 8.63
N GLU B 101 -2.45 -14.13 9.74
CA GLU B 101 -2.93 -12.76 9.85
C GLU B 101 -1.80 -11.74 9.78
N LYS B 102 -0.72 -12.03 10.51
CA LYS B 102 0.49 -11.21 10.49
C LYS B 102 0.98 -11.07 9.06
N ILE B 103 1.02 -12.19 8.34
CA ILE B 103 1.54 -12.14 7.00
C ILE B 103 0.65 -11.32 6.10
N SER B 104 -0.67 -11.44 6.25
CA SER B 104 -1.54 -10.59 5.44
C SER B 104 -1.31 -9.12 5.71
N ILE B 105 -1.01 -8.77 6.94
CA ILE B 105 -0.80 -7.36 7.22
C ILE B 105 0.50 -6.91 6.62
N LEU B 106 1.56 -7.68 6.85
CA LEU B 106 2.88 -7.35 6.35
C LEU B 106 2.78 -7.15 4.86
N THR B 107 2.05 -8.05 4.21
CA THR B 107 1.91 -8.02 2.78
C THR B 107 1.14 -6.81 2.28
N SER B 108 0.11 -6.38 3.00
CA SER B 108 -0.67 -5.23 2.59
C SER B 108 0.07 -3.93 2.83
N ILE B 109 0.91 -3.88 3.85
CA ILE B 109 1.69 -2.69 4.15
C ILE B 109 2.46 -2.41 2.87
N ASP B 110 2.98 -3.47 2.30
CA ASP B 110 3.72 -3.46 1.07
C ASP B 110 2.78 -3.32 -0.13
N GLU C 5 22.66 26.23 13.07
CA GLU C 5 21.98 25.19 13.92
C GLU C 5 21.04 24.26 13.11
N ILE C 6 21.47 23.02 12.85
CA ILE C 6 20.62 22.01 12.23
C ILE C 6 20.58 20.79 13.14
N GLU C 7 19.40 20.47 13.64
CA GLU C 7 19.25 19.37 14.59
C GLU C 7 19.23 18.03 13.88
N LYS C 8 20.22 17.19 14.17
CA LYS C 8 20.24 15.83 13.66
C LYS C 8 19.23 15.04 14.46
N THR C 9 18.57 14.09 13.80
CA THR C 9 17.65 13.17 14.48
C THR C 9 17.72 11.80 13.82
N ASN C 10 17.21 10.79 14.52
CA ASN C 10 17.22 9.43 14.01
C ASN C 10 16.27 9.28 12.82
N ARG C 11 15.11 9.91 12.85
CA ARG C 11 14.27 9.83 11.67
C ARG C 11 15.04 10.42 10.48
N MET C 12 15.59 11.62 10.62
CA MET C 12 16.23 12.27 9.48
C MET C 12 17.42 11.44 9.02
N ASN C 13 18.18 10.90 9.94
CA ASN C 13 19.31 10.08 9.55
C ASN C 13 18.75 8.93 8.75
N ALA C 14 17.63 8.38 9.21
CA ALA C 14 17.08 7.24 8.50
C ALA C 14 16.53 7.61 7.09
N LEU C 15 15.90 8.78 6.95
CA LEU C 15 15.40 9.16 5.62
C LEU C 15 16.57 9.25 4.64
N PHE C 16 17.65 9.86 5.10
CA PHE C 16 18.86 9.99 4.32
C PHE C 16 19.39 8.63 3.88
N GLU C 17 19.44 7.68 4.80
CA GLU C 17 19.96 6.34 4.48
C GLU C 17 19.02 5.67 3.46
N PHE C 18 17.71 5.85 3.66
CA PHE C 18 16.81 5.26 2.72
C PHE C 18 16.86 5.85 1.31
N TYR C 19 16.91 7.16 1.26
CA TYR C 19 16.74 7.81 -0.03
C TYR C 19 17.98 8.48 -0.67
N ALA C 20 19.11 8.36 0.00
CA ALA C 20 20.32 9.00 -0.52
C ALA C 20 20.53 8.82 -2.00
N ALA C 21 20.39 7.61 -2.50
CA ALA C 21 20.63 7.37 -3.90
C ALA C 21 19.71 8.22 -4.83
N LEU C 22 18.58 8.68 -4.35
CA LEU C 22 17.74 9.49 -5.22
C LEU C 22 18.25 10.92 -5.36
N LEU C 23 19.12 11.34 -4.45
CA LEU C 23 19.57 12.75 -4.47
C LEU C 23 20.62 12.95 -5.57
N THR C 24 20.80 14.19 -6.05
CA THR C 24 21.88 14.50 -6.98
C THR C 24 23.13 14.66 -6.15
N ASP C 25 24.28 14.72 -6.81
CA ASP C 25 25.51 14.88 -6.09
C ASP C 25 25.46 16.14 -5.20
N LYS C 26 24.96 17.25 -5.75
CA LYS C 26 24.96 18.49 -4.98
C LYS C 26 23.96 18.36 -3.85
N GLN C 27 22.92 17.54 -4.00
CA GLN C 27 21.98 17.45 -2.89
C GLN C 27 22.52 16.57 -1.77
N MET C 28 23.43 15.68 -2.14
CA MET C 28 23.92 14.73 -1.18
C MET C 28 25.27 15.06 -0.52
N ASN C 29 26.23 15.67 -1.20
CA ASN C 29 27.58 15.79 -0.61
C ASN C 29 27.67 16.40 0.82
N TYR C 30 26.90 17.44 1.15
CA TYR C 30 27.06 18.09 2.43
C TYR C 30 26.34 17.30 3.47
N ILE C 31 25.09 16.93 3.23
CA ILE C 31 24.36 16.22 4.27
C ILE C 31 25.04 14.89 4.60
N GLU C 32 25.68 14.27 3.61
CA GLU C 32 26.38 13.01 3.90
C GLU C 32 27.53 13.22 4.91
N LEU C 33 28.28 14.29 4.74
CA LEU C 33 29.40 14.55 5.66
C LEU C 33 28.84 14.90 7.05
N TYR C 34 27.74 15.65 7.08
CA TYR C 34 27.10 16.10 8.32
C TYR C 34 26.65 14.92 9.17
N TYR C 35 25.90 14.00 8.58
CA TYR C 35 25.39 12.84 9.28
C TYR C 35 26.32 11.63 9.35
N ALA C 36 26.86 11.21 8.23
CA ALA C 36 27.63 10.00 8.30
C ALA C 36 29.07 10.20 8.84
N ASP C 37 29.61 11.40 8.71
CA ASP C 37 30.99 11.64 9.13
C ASP C 37 31.12 12.66 10.26
N ASP C 38 29.95 13.07 10.77
CA ASP C 38 29.83 14.01 11.90
C ASP C 38 30.62 15.31 11.73
N TYR C 39 30.65 15.81 10.51
CA TYR C 39 31.31 17.07 10.25
C TYR C 39 30.44 18.20 10.76
N SER C 40 31.07 19.30 11.13
CA SER C 40 30.38 20.51 11.46
C SER C 40 30.11 21.26 10.13
N LEU C 41 29.13 22.16 10.15
CA LEU C 41 28.84 23.00 9.01
C LEU C 41 30.12 23.76 8.63
N ALA C 42 30.84 24.24 9.63
CA ALA C 42 32.07 24.96 9.35
C ALA C 42 33.07 24.08 8.61
N GLU C 43 33.28 22.86 9.08
CA GLU C 43 34.25 21.99 8.40
C GLU C 43 33.83 21.70 6.94
N ILE C 44 32.56 21.47 6.68
CA ILE C 44 32.14 21.22 5.32
C ILE C 44 32.46 22.41 4.45
N ALA C 45 32.06 23.59 4.92
CA ALA C 45 32.32 24.82 4.17
C ALA C 45 33.81 25.01 3.90
N ASP C 46 34.64 24.73 4.90
CA ASP C 46 36.08 24.86 4.69
C ASP C 46 36.56 23.86 3.60
N GLU C 47 36.07 22.64 3.65
CA GLU C 47 36.54 21.63 2.69
C GLU C 47 36.16 21.96 1.26
N PHE C 48 34.95 22.52 1.07
CA PHE C 48 34.47 22.80 -0.28
C PHE C 48 34.70 24.23 -0.76
N GLY C 49 35.27 25.07 0.10
CA GLY C 49 35.56 26.45 -0.27
C GLY C 49 34.31 27.32 -0.46
N VAL C 50 33.35 27.16 0.44
CA VAL C 50 32.13 27.94 0.37
C VAL C 50 31.77 28.47 1.74
N SER C 51 30.72 29.26 1.81
CA SER C 51 30.28 29.86 3.07
C SER C 51 29.47 28.88 3.88
N ARG C 52 29.51 29.03 5.19
CA ARG C 52 28.73 28.18 6.09
C ARG C 52 27.25 28.32 5.71
N GLN C 53 26.82 29.55 5.45
CA GLN C 53 25.42 29.81 5.14
C GLN C 53 25.06 28.95 3.95
N ALA C 54 25.97 28.83 3.00
CA ALA C 54 25.66 28.09 1.82
C ALA C 54 25.47 26.63 2.16
N VAL C 55 26.30 26.10 3.03
CA VAL C 55 26.17 24.72 3.42
C VAL C 55 24.85 24.52 4.20
N TYR C 56 24.57 25.44 5.10
CA TYR C 56 23.36 25.37 5.90
C TYR C 56 22.11 25.32 5.03
N ASP C 57 22.02 26.22 4.05
CA ASP C 57 20.85 26.25 3.20
C ASP C 57 20.78 24.98 2.34
N ASN C 58 21.91 24.46 1.92
CA ASN C 58 21.91 23.29 1.08
C ASN C 58 21.35 22.10 1.88
N ILE C 59 21.82 21.88 3.09
CA ILE C 59 21.33 20.78 3.90
C ILE C 59 19.84 20.91 4.22
N LYS C 60 19.37 22.11 4.55
CA LYS C 60 17.94 22.29 4.74
C LYS C 60 17.17 21.93 3.47
N ARG C 61 17.69 22.30 2.30
CA ARG C 61 16.99 21.95 1.07
C ARG C 61 16.84 20.42 0.99
N THR C 62 17.92 19.70 1.28
CA THR C 62 17.84 18.27 1.16
C THR C 62 16.90 17.68 2.18
N GLU C 63 16.92 18.22 3.39
CA GLU C 63 16.02 17.69 4.40
C GLU C 63 14.56 17.77 3.92
N LYS C 64 14.20 18.81 3.20
CA LYS C 64 12.85 18.97 2.69
C LYS C 64 12.59 17.97 1.60
N ILE C 65 13.60 17.78 0.76
CA ILE C 65 13.48 16.80 -0.28
C ILE C 65 13.34 15.40 0.34
N LEU C 66 14.06 15.13 1.42
CA LEU C 66 13.97 13.80 2.01
C LEU C 66 12.60 13.56 2.59
N GLU C 67 12.02 14.62 3.16
CA GLU C 67 10.71 14.55 3.78
C GLU C 67 9.66 14.37 2.68
N THR C 68 9.88 14.96 1.50
CA THR C 68 8.94 14.75 0.41
C THR C 68 9.03 13.30 -0.09
N TYR C 69 10.25 12.76 -0.21
CA TYR C 69 10.37 11.35 -0.59
C TYR C 69 9.62 10.43 0.40
N GLU C 70 9.76 10.69 1.70
CA GLU C 70 9.07 9.85 2.68
C GLU C 70 7.54 9.94 2.55
N MET C 71 7.01 11.14 2.31
CA MET C 71 5.57 11.30 2.11
C MET C 71 5.12 10.53 0.86
N LYS C 72 6.03 10.31 -0.09
CA LYS C 72 5.62 9.61 -1.30
C LYS C 72 5.79 8.10 -1.20
N LEU C 73 6.83 7.66 -0.50
CA LEU C 73 7.20 6.27 -0.51
C LEU C 73 7.08 5.55 0.83
N HIS C 74 7.12 6.28 1.95
CA HIS C 74 6.87 5.69 3.26
C HIS C 74 7.80 4.54 3.63
N MET C 75 9.04 4.59 3.17
CA MET C 75 9.97 3.55 3.55
C MET C 75 10.22 3.62 5.08
N TYR C 76 10.30 4.80 5.66
CA TYR C 76 10.56 4.87 7.08
C TYR C 76 9.36 4.38 7.92
N SER C 77 8.18 4.92 7.69
CA SER C 77 7.05 4.53 8.48
C SER C 77 6.77 3.04 8.25
N ASP C 78 6.91 2.56 7.02
CA ASP C 78 6.74 1.15 6.80
C ASP C 78 7.75 0.34 7.62
N TYR C 79 8.96 0.86 7.78
CA TYR C 79 10.00 0.17 8.52
C TYR C 79 9.68 0.13 9.99
N VAL C 80 9.16 1.23 10.51
CA VAL C 80 8.74 1.24 11.90
C VAL C 80 7.65 0.20 12.17
N VAL C 81 6.64 0.18 11.33
CA VAL C 81 5.56 -0.76 11.45
C VAL C 81 6.06 -2.20 11.40
N ARG C 82 6.88 -2.53 10.41
CA ARG C 82 7.42 -3.88 10.32
C ARG C 82 8.14 -4.27 11.61
N SER C 83 8.92 -3.36 12.19
CA SER C 83 9.59 -3.84 13.39
C SER C 83 8.64 -4.04 14.54
N GLU C 84 7.57 -3.25 14.62
CA GLU C 84 6.62 -3.44 15.69
C GLU C 84 5.96 -4.81 15.58
N ILE C 85 5.58 -5.18 14.35
CA ILE C 85 4.94 -6.47 14.06
C ILE C 85 5.90 -7.64 14.34
N PHE C 86 7.16 -7.49 13.94
CA PHE C 86 8.15 -8.47 14.28
C PHE C 86 8.27 -8.58 15.80
N ASP C 87 8.29 -7.45 16.53
CA ASP C 87 8.37 -7.57 17.99
C ASP C 87 7.15 -8.31 18.53
N ASP C 88 5.99 -8.06 17.95
CA ASP C 88 4.77 -8.73 18.40
C ASP C 88 4.96 -10.22 18.21
N MET C 89 5.52 -10.60 17.07
CA MET C 89 5.64 -12.01 16.72
C MET C 89 6.62 -12.72 17.65
N ILE C 90 7.69 -12.04 18.00
CA ILE C 90 8.60 -12.64 18.94
C ILE C 90 7.99 -12.83 20.34
N ALA C 91 7.18 -11.89 20.80
CA ALA C 91 6.55 -12.08 22.09
C ALA C 91 5.52 -13.21 22.01
N HIS C 92 4.93 -13.36 20.83
CA HIS C 92 3.91 -14.38 20.68
C HIS C 92 4.50 -15.81 20.61
N TYR C 93 5.71 -15.93 20.06
CA TYR C 93 6.39 -17.21 19.94
C TYR C 93 7.74 -17.18 20.66
N PRO C 94 7.74 -17.06 21.98
CA PRO C 94 9.00 -16.88 22.72
C PRO C 94 10.04 -17.98 22.46
N HIS C 95 9.62 -19.21 22.24
CA HIS C 95 10.60 -20.25 22.05
C HIS C 95 10.67 -20.90 20.67
N ASP C 96 10.10 -20.28 19.64
CA ASP C 96 10.10 -20.88 18.33
C ASP C 96 11.39 -20.46 17.61
N GLU C 97 12.34 -21.37 17.57
CA GLU C 97 13.64 -21.09 16.97
C GLU C 97 13.50 -20.77 15.49
N TYR C 98 12.61 -21.50 14.83
CA TYR C 98 12.39 -21.32 13.42
C TYR C 98 11.82 -19.91 13.17
N LEU C 99 10.81 -19.52 13.94
CA LEU C 99 10.22 -18.21 13.78
C LEU C 99 11.27 -17.15 14.08
N GLN C 100 12.05 -17.36 15.14
CA GLN C 100 13.13 -16.46 15.50
C GLN C 100 14.11 -16.29 14.33
N GLU C 101 14.49 -17.39 13.69
CA GLU C 101 15.43 -17.26 12.61
C GLU C 101 14.78 -16.48 11.44
N LYS C 102 13.51 -16.71 11.18
CA LYS C 102 12.85 -16.00 10.07
C LYS C 102 12.85 -14.50 10.35
N ILE C 103 12.53 -14.16 11.59
CA ILE C 103 12.39 -12.74 11.90
C ILE C 103 13.72 -12.08 11.76
N SER C 104 14.75 -12.84 12.09
CA SER C 104 16.08 -12.30 11.99
C SER C 104 16.50 -12.11 10.53
N ILE C 105 16.01 -12.97 9.65
CA ILE C 105 16.26 -12.82 8.22
C ILE C 105 15.46 -11.63 7.66
N LEU C 106 14.23 -11.45 8.11
CA LEU C 106 13.43 -10.34 7.60
C LEU C 106 14.04 -9.00 8.09
N THR C 107 14.40 -8.98 9.36
CA THR C 107 14.98 -7.81 9.97
C THR C 107 16.20 -7.36 9.21
N SER C 108 16.97 -8.30 8.67
CA SER C 108 18.20 -7.88 8.04
C SER C 108 18.00 -7.41 6.60
N ILE C 109 16.94 -7.88 5.95
CA ILE C 109 16.60 -7.35 4.65
C ILE C 109 16.16 -5.91 4.89
N ASP C 110 15.50 -5.69 6.03
CA ASP C 110 15.00 -4.35 6.43
C ASP C 110 16.15 -3.40 6.80
N ASN C 111 17.25 -3.94 7.39
CA ASN C 111 18.45 -3.18 7.81
C ASN C 111 19.48 -3.19 6.59
N ARG C 112 19.18 -4.01 5.48
CA ARG C 112 19.89 -4.17 4.16
C ARG C 112 21.17 -5.00 4.16
#